data_6LTY
#
_entry.id   6LTY
#
_cell.length_a   74.615
_cell.length_b   101.812
_cell.length_c   58.027
_cell.angle_alpha   90.000
_cell.angle_beta   90.050
_cell.angle_gamma   90.000
#
_symmetry.space_group_name_H-M   'C 1 2 1'
#
loop_
_entity.id
_entity.type
_entity.pdbx_description
1 polymer 'Putative antitoxin HigA3'
2 polymer "DNA (5'-D(P*CP*CP*AP*CP*GP*AP*GP*AP*TP*AP*TP*AP*AP*CP*CP*TP*AP*GP*AP*G)-3')"
3 polymer "DNA (5'-D(P*CP*TP*CP*TP*AP*GP*GP*TP*TP*AP*TP*AP*TP*CP*TP*CP*GP*TP*GP*G)-3')"
#
loop_
_entity_poly.entity_id
_entity_poly.type
_entity_poly.pdbx_seq_one_letter_code
_entity_poly.pdbx_strand_id
1 'polypeptide(L)'
;MTMARNWRDIRADAVAQGRVDLQRAAVAREEMRDAVLAHRLAEIRKALGHARQADVAALMGVSQARVSKLESGDLSHTEL
GTLQAYVAALGGHLRIVAEFGENTVELTALEHHHHHH
;
A,B
2 'polydeoxyribonucleotide' (DC)(DC)(DA)(DC)(DG)(DA)(DG)(DA)(DT)(DA)(DT)(DA)(DA)(DC)(DC)(DT)(DA)(DG)(DA)(DG) C
3 'polydeoxyribonucleotide' (DC)(DT)(DC)(DT)(DA)(DG)(DG)(DT)(DT)(DA)(DT)(DA)(DT)(DC)(DT)(DC)(DG)(DT)(DG)(DG) D
#
# COMPACT_ATOMS: atom_id res chain seq x y z
N VAL A 36 -1.22 -4.75 -18.03
CA VAL A 36 -2.05 -4.93 -16.78
C VAL A 36 -1.38 -6.01 -15.93
N LEU A 37 -0.08 -5.82 -15.66
CA LEU A 37 0.89 -6.83 -15.12
C LEU A 37 0.47 -7.29 -13.70
N ALA A 38 1.39 -7.80 -12.89
CA ALA A 38 1.08 -8.10 -11.47
C ALA A 38 2.29 -8.48 -10.59
N HIS A 39 3.54 -8.20 -10.98
CA HIS A 39 4.70 -8.86 -10.32
C HIS A 39 5.70 -7.81 -9.80
N ARG A 40 6.97 -7.91 -10.23
CA ARG A 40 8.12 -7.12 -9.70
C ARG A 40 7.94 -5.65 -10.07
N LEU A 41 8.41 -4.75 -9.20
CA LEU A 41 8.44 -3.30 -9.48
C LEU A 41 9.30 -3.10 -10.75
N ALA A 42 10.51 -3.65 -10.77
CA ALA A 42 11.43 -3.51 -11.93
C ALA A 42 10.62 -3.72 -13.20
N GLU A 43 9.77 -4.75 -13.12
CA GLU A 43 8.86 -5.21 -14.20
C GLU A 43 8.09 -4.01 -14.76
N ILE A 44 7.48 -3.18 -13.90
CA ILE A 44 6.63 -2.04 -14.36
C ILE A 44 7.54 -0.94 -14.91
N ARG A 45 8.66 -0.63 -14.25
CA ARG A 45 9.62 0.34 -14.85
C ARG A 45 9.89 -0.16 -16.26
N LYS A 46 10.52 -1.34 -16.31
CA LYS A 46 10.87 -2.04 -17.56
C LYS A 46 9.68 -1.82 -18.49
N ALA A 47 8.49 -2.21 -18.01
CA ALA A 47 7.20 -2.12 -18.71
C ALA A 47 6.95 -0.71 -19.27
N LEU A 48 7.17 0.36 -18.51
CA LEU A 48 7.05 1.73 -19.10
C LEU A 48 8.11 1.87 -20.21
N GLY A 49 8.36 3.10 -20.70
CA GLY A 49 9.59 3.40 -21.45
C GLY A 49 10.80 2.84 -20.70
N HIS A 50 11.89 2.55 -21.42
CA HIS A 50 13.10 1.88 -20.87
C HIS A 50 13.85 2.83 -19.92
N ALA A 51 13.09 3.47 -19.02
CA ALA A 51 13.59 4.29 -17.88
C ALA A 51 14.62 3.46 -17.11
N ARG A 52 15.60 4.12 -16.48
CA ARG A 52 16.69 3.47 -15.71
C ARG A 52 16.52 3.78 -14.22
N GLN A 53 16.90 2.85 -13.34
CA GLN A 53 16.79 3.04 -11.87
C GLN A 53 17.67 4.22 -11.43
N ALA A 54 18.46 4.76 -12.36
CA ALA A 54 19.26 5.99 -12.16
C ALA A 54 18.37 7.23 -12.24
N ASP A 55 17.59 7.40 -13.31
CA ASP A 55 16.80 8.63 -13.53
C ASP A 55 15.39 8.47 -12.93
N VAL A 56 15.03 7.29 -12.42
CA VAL A 56 13.98 7.26 -11.36
C VAL A 56 14.69 7.78 -10.12
N ALA A 57 15.71 7.06 -9.61
CA ALA A 57 16.42 7.41 -8.35
C ALA A 57 16.43 8.95 -8.25
N ALA A 58 16.77 9.60 -9.38
CA ALA A 58 16.92 11.07 -9.54
C ALA A 58 15.59 11.75 -9.16
N LEU A 59 14.53 11.46 -9.94
CA LEU A 59 13.14 11.96 -9.69
C LEU A 59 12.69 11.56 -8.28
N MET A 60 13.40 10.64 -7.63
CA MET A 60 13.11 10.23 -6.24
C MET A 60 14.15 10.87 -5.30
N GLY A 61 15.25 11.41 -5.85
CA GLY A 61 16.29 12.14 -5.09
C GLY A 61 16.99 11.28 -4.05
N VAL A 62 16.89 9.96 -4.17
CA VAL A 62 17.68 9.00 -3.36
C VAL A 62 18.68 8.29 -4.29
N SER A 63 19.62 7.54 -3.69
CA SER A 63 20.69 6.83 -4.45
C SER A 63 20.01 5.96 -5.50
N GLN A 64 20.79 5.47 -6.48
CA GLN A 64 20.29 4.52 -7.51
C GLN A 64 20.60 3.11 -7.00
N ALA A 65 21.19 3.04 -5.80
CA ALA A 65 21.32 1.85 -4.93
C ALA A 65 19.95 1.51 -4.35
N ARG A 66 19.47 2.35 -3.44
CA ARG A 66 18.16 2.21 -2.76
C ARG A 66 17.16 1.61 -3.76
N VAL A 67 17.00 2.27 -4.93
CA VAL A 67 15.99 1.91 -5.97
C VAL A 67 16.05 0.40 -6.23
N SER A 68 17.25 -0.16 -6.44
CA SER A 68 17.43 -1.63 -6.46
C SER A 68 16.85 -2.19 -5.15
N LYS A 69 17.48 -1.91 -4.00
CA LYS A 69 17.05 -2.44 -2.68
C LYS A 69 15.54 -2.32 -2.52
N LEU A 70 14.91 -1.41 -3.28
CA LEU A 70 13.44 -1.28 -3.37
C LEU A 70 12.91 -2.49 -4.12
N GLU A 71 13.32 -2.65 -5.36
CA GLU A 71 12.78 -3.69 -6.28
C GLU A 71 13.38 -5.06 -5.93
N SER A 72 14.45 -5.10 -5.13
CA SER A 72 15.03 -6.35 -4.57
C SER A 72 14.35 -6.67 -3.24
N GLY A 73 13.49 -5.77 -2.75
CA GLY A 73 12.80 -5.93 -1.46
C GLY A 73 11.57 -6.80 -1.59
N ASP A 74 10.97 -7.12 -0.44
CA ASP A 74 9.64 -7.74 -0.27
C ASP A 74 8.59 -6.62 -0.16
N LEU A 75 7.80 -6.34 -1.21
CA LEU A 75 6.67 -5.36 -1.15
C LEU A 75 6.03 -5.33 0.25
N SER A 76 5.63 -6.50 0.77
CA SER A 76 4.87 -6.62 2.05
C SER A 76 5.58 -5.78 3.12
N HIS A 77 6.93 -5.81 3.13
CA HIS A 77 7.82 -5.06 4.05
C HIS A 77 8.40 -3.81 3.34
N THR A 78 7.52 -2.95 2.82
CA THR A 78 7.85 -1.66 2.14
C THR A 78 6.79 -0.65 2.57
N GLU A 79 7.14 0.63 2.69
CA GLU A 79 6.22 1.65 3.26
C GLU A 79 5.27 2.10 2.14
N LEU A 80 3.99 2.21 2.49
CA LEU A 80 2.94 2.47 1.48
C LEU A 80 3.35 3.67 0.61
N GLY A 81 3.99 4.68 1.19
CA GLY A 81 4.49 5.87 0.48
C GLY A 81 5.72 5.55 -0.36
N THR A 82 6.61 4.67 0.15
CA THR A 82 7.88 4.33 -0.54
C THR A 82 7.44 4.05 -1.96
N LEU A 83 6.53 3.11 -2.05
CA LEU A 83 5.87 2.66 -3.29
C LEU A 83 5.23 3.87 -3.97
N GLN A 84 4.22 4.45 -3.30
CA GLN A 84 3.45 5.62 -3.77
C GLN A 84 4.39 6.65 -4.42
N ALA A 85 5.62 6.72 -3.89
CA ALA A 85 6.70 7.61 -4.35
C ALA A 85 7.26 7.04 -5.64
N TYR A 86 7.71 5.87 -5.61
CA TYR A 86 8.30 5.12 -6.76
C TYR A 86 7.34 5.29 -7.94
N VAL A 87 6.03 4.96 -7.64
CA VAL A 87 4.98 4.93 -8.70
C VAL A 87 4.68 6.33 -9.24
N ALA A 88 4.79 7.34 -8.38
CA ALA A 88 4.63 8.75 -8.80
C ALA A 88 5.77 9.08 -9.77
N ALA A 89 6.99 8.69 -9.39
CA ALA A 89 8.25 8.94 -10.12
C ALA A 89 8.16 8.38 -11.54
N LEU A 90 7.39 7.31 -11.76
CA LEU A 90 7.21 6.72 -13.11
C LEU A 90 6.04 7.39 -13.87
N GLY A 91 5.54 8.50 -13.32
CA GLY A 91 4.38 9.25 -13.87
C GLY A 91 3.12 8.43 -13.71
N GLY A 92 3.02 7.69 -12.59
CA GLY A 92 1.84 6.87 -12.27
C GLY A 92 1.16 7.40 -11.04
N HIS A 93 -0.04 6.91 -10.71
CA HIS A 93 -0.85 7.32 -9.53
C HIS A 93 -1.22 6.08 -8.70
N LEU A 94 -0.48 5.80 -7.63
CA LEU A 94 -0.80 4.68 -6.70
C LEU A 94 -2.23 4.81 -6.19
N ARG A 95 -3.02 3.73 -6.31
CA ARG A 95 -4.47 3.66 -6.01
C ARG A 95 -4.70 2.45 -5.09
N ILE A 96 -4.88 2.75 -3.81
CA ILE A 96 -5.08 1.74 -2.75
C ILE A 96 -6.57 1.69 -2.48
N VAL A 97 -7.19 0.56 -2.75
CA VAL A 97 -8.58 0.29 -2.29
C VAL A 97 -8.54 -0.86 -1.28
N ALA A 98 -9.46 -0.78 -0.32
CA ALA A 98 -9.81 -1.83 0.67
C ALA A 98 -11.29 -2.17 0.47
N GLU A 99 -11.57 -3.04 -0.51
CA GLU A 99 -12.95 -3.44 -0.92
C GLU A 99 -13.52 -4.51 0.04
N PHE A 100 -14.73 -4.25 0.54
CA PHE A 100 -15.52 -5.11 1.46
C PHE A 100 -16.81 -5.55 0.76
N GLY A 101 -16.73 -6.59 -0.06
CA GLY A 101 -17.85 -7.02 -0.91
C GLY A 101 -18.50 -5.85 -1.63
N GLU A 102 -19.82 -5.78 -1.56
CA GLU A 102 -20.67 -4.90 -2.41
C GLU A 102 -20.08 -3.49 -2.50
N ASN A 103 -19.73 -2.91 -1.35
CA ASN A 103 -19.11 -1.56 -1.25
C ASN A 103 -17.58 -1.69 -1.17
N THR A 104 -16.86 -0.61 -1.47
CA THR A 104 -15.39 -0.47 -1.32
C THR A 104 -15.06 0.86 -0.63
N VAL A 105 -13.81 0.98 -0.16
CA VAL A 105 -13.24 2.20 0.48
C VAL A 105 -11.90 2.51 -0.20
N GLU A 106 -11.85 3.52 -1.08
CA GLU A 106 -10.58 4.02 -1.65
C GLU A 106 -9.83 4.78 -0.55
N LEU A 107 -8.60 4.36 -0.24
CA LEU A 107 -7.72 5.01 0.76
C LEU A 107 -7.09 6.25 0.12
N THR A 108 -7.16 7.38 0.84
CA THR A 108 -6.66 8.73 0.43
C THR A 108 -6.11 9.44 1.66
N ALA A 109 -4.78 9.44 1.85
CA ALA A 109 -4.07 10.06 2.99
C ALA A 109 -2.80 10.74 2.48
N LEU A 110 -2.91 12.01 2.03
CA LEU A 110 -1.81 12.74 1.32
C LEU A 110 -1.57 14.12 1.96
N GLU A 111 -0.45 14.23 2.69
CA GLU A 111 0.14 15.47 3.27
C GLU A 111 1.65 15.25 3.47
N HIS A 112 2.51 15.90 2.67
CA HIS A 112 4.01 15.79 2.64
C HIS A 112 4.59 15.40 4.03
N HIS A 113 5.66 14.58 4.06
CA HIS A 113 6.36 14.12 5.30
C HIS A 113 7.05 15.31 5.98
N VAL B 36 -17.27 5.15 2.14
CA VAL B 36 -16.98 4.78 0.70
C VAL B 36 -15.72 5.52 0.20
N LEU B 37 -14.88 6.00 1.14
CA LEU B 37 -13.64 6.82 0.94
C LEU B 37 -13.24 7.32 2.34
N ALA B 38 -12.02 7.03 2.83
CA ALA B 38 -11.57 7.36 4.22
C ALA B 38 -10.05 7.53 4.30
N HIS B 39 -9.59 8.40 5.21
CA HIS B 39 -8.15 8.66 5.53
C HIS B 39 -7.73 7.90 6.80
N ARG B 40 -8.72 7.40 7.58
CA ARG B 40 -8.53 6.77 8.92
C ARG B 40 -9.09 5.34 8.92
N LEU B 41 -8.25 4.37 9.28
CA LEU B 41 -8.62 2.93 9.31
C LEU B 41 -9.74 2.71 10.33
N ALA B 42 -9.65 3.33 11.49
CA ALA B 42 -10.71 3.22 12.51
C ALA B 42 -12.05 3.61 11.87
N GLU B 43 -12.08 4.67 11.04
CA GLU B 43 -13.36 5.26 10.55
C GLU B 43 -14.13 4.26 9.68
N ILE B 44 -13.40 3.40 8.96
CA ILE B 44 -14.03 2.32 8.15
C ILE B 44 -14.51 1.19 9.07
N ARG B 45 -13.75 0.81 10.12
CA ARG B 45 -14.13 -0.28 11.09
C ARG B 45 -15.50 0.02 11.71
N LYS B 46 -15.74 1.28 12.05
CA LYS B 46 -17.04 1.78 12.57
C LYS B 46 -18.10 1.60 11.48
N ALA B 47 -17.77 1.90 10.23
CA ALA B 47 -18.61 1.63 9.03
C ALA B 47 -18.77 0.10 8.81
N LEU B 48 -17.86 -0.72 9.34
CA LEU B 48 -17.87 -2.20 9.17
C LEU B 48 -18.40 -2.84 10.47
N GLY B 49 -19.69 -2.65 10.72
CA GLY B 49 -20.37 -3.17 11.92
C GLY B 49 -19.66 -2.71 13.18
N HIS B 50 -20.02 -3.34 14.31
CA HIS B 50 -19.51 -3.00 15.66
C HIS B 50 -18.09 -3.54 15.85
N ALA B 51 -17.29 -3.63 14.78
CA ALA B 51 -15.94 -4.21 14.89
C ALA B 51 -15.21 -3.44 16.00
N ARG B 52 -14.70 -4.19 16.99
CA ARG B 52 -13.94 -3.63 18.13
C ARG B 52 -12.44 -3.66 17.84
N GLN B 53 -11.70 -2.83 18.57
CA GLN B 53 -10.23 -2.66 18.35
C GLN B 53 -9.48 -3.87 18.89
N ALA B 54 -10.10 -4.60 19.84
CA ALA B 54 -9.55 -5.76 20.58
C ALA B 54 -9.92 -7.05 19.88
N ASP B 55 -10.90 -6.97 18.97
CA ASP B 55 -11.34 -8.07 18.07
C ASP B 55 -10.46 -8.05 16.82
N VAL B 56 -10.29 -6.86 16.18
CA VAL B 56 -9.41 -6.69 14.98
C VAL B 56 -7.95 -6.88 15.41
N ALA B 57 -7.65 -6.74 16.71
CA ALA B 57 -6.36 -7.14 17.32
C ALA B 57 -6.22 -8.66 17.25
N ALA B 58 -7.25 -9.36 17.76
CA ALA B 58 -7.27 -10.81 18.08
C ALA B 58 -7.00 -11.65 16.84
N LEU B 59 -7.64 -11.32 15.73
CA LEU B 59 -7.51 -12.05 14.44
C LEU B 59 -6.12 -11.81 13.84
N MET B 60 -5.47 -10.71 14.22
CA MET B 60 -4.16 -10.30 13.65
C MET B 60 -3.01 -10.80 14.56
N GLY B 61 -3.32 -11.63 15.57
CA GLY B 61 -2.32 -12.31 16.42
C GLY B 61 -1.43 -11.35 17.23
N VAL B 62 -1.86 -10.10 17.42
CA VAL B 62 -1.09 -9.03 18.13
C VAL B 62 -2.00 -8.38 19.17
N SER B 63 -1.47 -7.39 19.93
CA SER B 63 -2.13 -6.65 21.04
C SER B 63 -3.13 -5.64 20.48
N GLN B 64 -4.07 -5.20 21.33
CA GLN B 64 -4.98 -4.04 21.09
C GLN B 64 -4.17 -2.74 21.00
N ALA B 65 -3.17 -2.59 21.87
CA ALA B 65 -2.17 -1.49 21.82
C ALA B 65 -1.77 -1.27 20.36
N ARG B 66 -1.10 -2.28 19.80
CA ARG B 66 -0.54 -2.26 18.42
C ARG B 66 -1.58 -1.68 17.44
N VAL B 67 -2.84 -2.08 17.57
CA VAL B 67 -3.92 -1.75 16.58
C VAL B 67 -4.28 -0.26 16.61
N SER B 68 -4.36 0.36 17.79
CA SER B 68 -4.55 1.83 17.91
C SER B 68 -3.34 2.54 17.27
N LYS B 69 -2.13 2.22 17.76
CA LYS B 69 -0.84 2.71 17.18
C LYS B 69 -0.87 2.52 15.66
N LEU B 70 -1.72 1.61 15.20
CA LEU B 70 -1.86 1.38 13.75
C LEU B 70 -2.66 2.53 13.15
N GLU B 71 -3.87 2.75 13.66
CA GLU B 71 -4.86 3.67 13.04
C GLU B 71 -4.58 5.10 13.48
N SER B 72 -3.73 5.28 14.50
CA SER B 72 -3.05 6.55 14.85
C SER B 72 -1.95 6.84 13.84
N GLY B 73 -1.21 5.79 13.44
CA GLY B 73 -0.04 5.89 12.53
C GLY B 73 -0.34 6.65 11.26
N ASP B 74 0.70 7.29 10.72
CA ASP B 74 0.73 7.74 9.31
C ASP B 74 0.71 6.48 8.45
N LEU B 75 -0.35 6.32 7.65
CA LEU B 75 -0.52 5.27 6.60
C LEU B 75 0.70 5.26 5.67
N SER B 76 1.12 6.43 5.19
CA SER B 76 2.33 6.59 4.33
C SER B 76 3.50 5.88 5.01
N HIS B 77 3.48 5.84 6.34
CA HIS B 77 4.48 5.16 7.16
C HIS B 77 3.76 3.98 7.80
N THR B 78 3.10 3.20 6.93
CA THR B 78 2.65 1.81 7.16
C THR B 78 3.14 0.93 6.00
N GLU B 79 3.70 -0.24 6.31
CA GLU B 79 4.02 -1.25 5.28
C GLU B 79 2.67 -1.85 4.86
N LEU B 80 2.48 -2.09 3.57
CA LEU B 80 1.16 -2.44 2.97
C LEU B 80 0.77 -3.82 3.49
N GLY B 81 1.76 -4.68 3.77
CA GLY B 81 1.56 -5.94 4.50
C GLY B 81 0.76 -5.69 5.77
N THR B 82 1.32 -4.86 6.65
CA THR B 82 0.74 -4.51 7.96
C THR B 82 -0.65 -3.91 7.70
N LEU B 83 -0.83 -3.26 6.54
CA LEU B 83 -2.15 -2.73 6.10
C LEU B 83 -3.09 -3.86 5.69
N GLN B 84 -2.65 -4.64 4.69
CA GLN B 84 -3.31 -5.90 4.25
C GLN B 84 -3.79 -6.69 5.48
N ALA B 85 -2.88 -7.14 6.35
CA ALA B 85 -3.17 -7.89 7.60
C ALA B 85 -4.46 -7.35 8.25
N TYR B 86 -4.64 -6.02 8.25
CA TYR B 86 -5.77 -5.30 8.91
C TYR B 86 -7.05 -5.48 8.08
N VAL B 87 -7.11 -4.91 6.86
CA VAL B 87 -8.34 -4.93 6.00
C VAL B 87 -8.80 -6.38 5.86
N ALA B 88 -7.82 -7.31 5.79
CA ALA B 88 -7.99 -8.78 5.88
C ALA B 88 -8.75 -9.12 7.15
N ALA B 89 -8.28 -8.56 8.28
CA ALA B 89 -8.84 -8.75 9.64
C ALA B 89 -10.30 -8.31 9.70
N LEU B 90 -10.72 -7.41 8.80
CA LEU B 90 -12.12 -6.90 8.75
C LEU B 90 -12.85 -7.62 7.61
N GLY B 91 -12.18 -8.59 6.98
CA GLY B 91 -12.77 -9.55 6.02
C GLY B 91 -13.00 -8.96 4.63
N GLY B 92 -12.29 -7.87 4.27
CA GLY B 92 -12.13 -7.31 2.91
C GLY B 92 -10.71 -7.52 2.40
N HIS B 93 -10.45 -7.37 1.10
CA HIS B 93 -9.12 -7.68 0.47
C HIS B 93 -8.56 -6.42 -0.21
N LEU B 94 -7.30 -6.11 0.11
CA LEU B 94 -6.58 -4.83 -0.22
C LEU B 94 -6.13 -4.84 -1.68
N ARG B 95 -6.68 -3.94 -2.46
CA ARG B 95 -6.47 -3.90 -3.91
C ARG B 95 -5.58 -2.70 -4.25
N ILE B 96 -4.31 -2.97 -4.57
CA ILE B 96 -3.25 -1.95 -4.84
C ILE B 96 -3.09 -1.79 -6.35
N VAL B 97 -3.68 -0.74 -6.91
CA VAL B 97 -3.57 -0.46 -8.37
C VAL B 97 -2.50 0.62 -8.57
N ALA B 98 -1.65 0.45 -9.58
CA ALA B 98 -0.69 1.45 -10.06
C ALA B 98 -1.14 1.89 -11.46
N GLU B 99 -1.84 3.01 -11.55
CA GLU B 99 -2.41 3.52 -12.84
C GLU B 99 -1.30 4.18 -13.68
N PHE B 100 -1.59 4.50 -14.96
CA PHE B 100 -0.64 5.11 -15.94
C PHE B 100 -1.33 5.60 -17.22
N GLY B 101 -2.54 6.17 -17.17
CA GLY B 101 -3.17 6.83 -18.35
C GLY B 101 -3.98 5.84 -19.18
N GLU B 102 -3.40 4.68 -19.47
CA GLU B 102 -4.14 3.46 -19.87
C GLU B 102 -3.49 2.29 -19.14
N ASN B 103 -2.28 1.90 -19.55
CA ASN B 103 -1.53 0.78 -18.92
C ASN B 103 -1.69 0.98 -17.43
N THR B 104 -2.29 0.01 -16.75
CA THR B 104 -2.47 0.02 -15.28
C THR B 104 -1.72 -1.20 -14.81
N VAL B 105 -1.47 -1.33 -13.51
CA VAL B 105 -0.69 -2.48 -12.94
C VAL B 105 -1.21 -2.81 -11.55
N GLU B 106 -1.87 -3.95 -11.43
CA GLU B 106 -2.40 -4.42 -10.13
C GLU B 106 -1.23 -5.15 -9.45
N LEU B 107 -1.10 -4.99 -8.14
CA LEU B 107 0.09 -5.45 -7.37
C LEU B 107 -0.30 -6.62 -6.48
N THR B 108 0.25 -7.79 -6.80
CA THR B 108 -0.27 -9.12 -6.37
C THR B 108 0.84 -9.83 -5.60
N ALA B 109 1.09 -9.41 -4.36
CA ALA B 109 2.23 -9.85 -3.53
C ALA B 109 1.75 -10.14 -2.11
N LEU B 110 1.86 -11.40 -1.66
CA LEU B 110 1.40 -11.87 -0.30
C LEU B 110 2.47 -12.79 0.33
N GLU B 111 2.35 -13.07 1.64
CA GLU B 111 3.26 -13.93 2.47
C GLU B 111 3.94 -13.05 3.54
N HIS B 112 3.36 -12.94 4.75
CA HIS B 112 3.90 -12.18 5.91
C HIS B 112 4.89 -13.05 6.72
N HIS B 113 5.72 -12.43 7.58
CA HIS B 113 6.57 -13.12 8.59
C HIS B 113 5.76 -13.30 9.88
#